data_3LT2
#
_entry.id   3LT2
#
_cell.length_a   131.018
_cell.length_b   131.018
_cell.length_c   82.954
_cell.angle_alpha   90.00
_cell.angle_beta   90.00
_cell.angle_gamma   90.00
#
_symmetry.space_group_name_H-M   'P 43 21 2'
#
loop_
_entity.id
_entity.type
_entity.pdbx_description
1 polymer 'Enoyl-ACP reductase'
2 non-polymer NICOTINAMIDE-ADENINE-DINUCLEOTIDE
3 non-polymer 2-(2,4-dichlorophenoxy)-5-(hydroxymethyl)phenol
4 water water
#
_entity_poly.entity_id   1
_entity_poly.type   'polypeptide(L)'
_entity_poly.pdbx_seq_one_letter_code
;NEDICFIAGIGDTNGYGWGIAKELSKRNVKIIFGIWPPVYNIFMKNYKNGKFDNDMIIDKDKKMNILDMLPFDASFDTAN
DIDEETKNNKRYNMLQNYTIEDVANLIHQKYGKINMLVHSLANAKEVQKDLLNTSRKGYLDALSKSSYSLISLCKYFVNI
MKPQSSIISLTYHASQKVVPGYGGGMSSAKAALESDTRVLAYHLGRNYNIRINTISAGPLKSRAATAINKLNNTYENNTN
QNKNRNRHDVHNIMNNSGEKEEKKISASQNYTFIDYAIEYSEKYAPLRQKLLSTDIGSVASFLLSRESRAITGQTIYVDN
GLNIMFLPD
;
_entity_poly.pdbx_strand_id   A,B
#
loop_
_chem_comp.id
_chem_comp.type
_chem_comp.name
_chem_comp.formula
FT3 non-polymer 2-(2,4-dichlorophenoxy)-5-(hydroxymethyl)phenol 'C13 H10 Cl2 O3'
NAD non-polymer NICOTINAMIDE-ADENINE-DINUCLEOTIDE 'C21 H27 N7 O14 P2'
#
# COMPACT_ATOMS: atom_id res chain seq x y z
N ASN A 1 9.20 -12.45 16.22
CA ASN A 1 10.32 -13.03 17.03
C ASN A 1 11.70 -12.87 16.34
N GLU A 2 12.46 -11.89 16.80
CA GLU A 2 13.79 -11.60 16.25
C GLU A 2 13.84 -10.47 15.23
N ASP A 3 12.81 -9.61 15.19
CA ASP A 3 12.78 -8.45 14.29
C ASP A 3 13.31 -7.19 14.95
N ILE A 4 14.19 -6.50 14.25
CA ILE A 4 14.75 -5.27 14.78
C ILE A 4 14.65 -4.17 13.73
N CYS A 5 14.18 -3.01 14.17
CA CYS A 5 14.01 -1.85 13.30
C CYS A 5 14.77 -0.66 13.85
N PHE A 6 15.58 -0.05 12.99
CA PHE A 6 16.21 1.21 13.34
C PHE A 6 15.35 2.36 12.78
N ILE A 7 14.92 3.26 13.65
CA ILE A 7 14.15 4.41 13.23
C ILE A 7 14.98 5.68 13.35
N ALA A 8 15.29 6.27 12.20
CA ALA A 8 16.15 7.44 12.13
C ALA A 8 15.25 8.64 12.00
N GLY A 9 15.26 9.51 13.03
CA GLY A 9 14.44 10.74 13.01
C GLY A 9 13.37 10.83 14.07
N ILE A 10 13.73 10.60 15.33
CA ILE A 10 12.82 10.80 16.46
C ILE A 10 13.34 11.90 17.40
N GLY A 11 12.53 12.93 17.63
CA GLY A 11 12.90 14.03 18.53
C GLY A 11 11.99 14.08 19.75
N ASP A 12 10.81 13.48 19.64
CA ASP A 12 9.76 13.55 20.64
C ASP A 12 8.65 12.64 20.12
N THR A 13 7.48 12.72 20.71
CA THR A 13 6.43 11.76 20.37
C THR A 13 5.31 12.28 19.47
N ASN A 14 5.47 13.50 18.96
CA ASN A 14 4.44 14.15 18.16
C ASN A 14 4.64 13.96 16.66
N GLY A 15 5.68 13.22 16.28
CA GLY A 15 6.00 13.04 14.87
C GLY A 15 5.59 11.68 14.32
N TYR A 16 5.88 11.46 13.05
CA TYR A 16 5.61 10.17 12.42
C TYR A 16 6.54 9.05 12.87
N GLY A 17 7.77 9.38 13.27
CA GLY A 17 8.71 8.40 13.81
C GLY A 17 8.13 7.67 15.02
N TRP A 18 7.55 8.43 15.94
CA TRP A 18 6.90 7.82 17.10
C TRP A 18 5.72 6.92 16.76
N GLY A 19 4.85 7.39 15.86
CA GLY A 19 3.70 6.64 15.39
C GLY A 19 4.10 5.33 14.74
N ILE A 20 5.19 5.35 13.95
CA ILE A 20 5.80 4.15 13.37
C ILE A 20 6.34 3.21 14.45
N ALA A 21 7.10 3.76 15.40
CA ALA A 21 7.59 2.96 16.54
C ALA A 21 6.45 2.23 17.27
N LYS A 22 5.35 2.94 17.55
CA LYS A 22 4.19 2.39 18.25
C LYS A 22 3.56 1.17 17.56
N GLU A 23 3.28 1.32 16.27
CA GLU A 23 2.64 0.26 15.51
C GLU A 23 3.56 -0.95 15.35
N LEU A 24 4.84 -0.73 15.06
CA LEU A 24 5.82 -1.80 15.03
C LEU A 24 5.84 -2.59 16.34
N SER A 25 5.80 -1.86 17.46
CA SER A 25 5.70 -2.44 18.79
C SER A 25 4.56 -3.40 18.94
N LYS A 26 3.40 -3.08 18.36
CA LYS A 26 2.26 -4.01 18.37
C LYS A 26 2.65 -5.37 17.81
N ARG A 27 3.61 -5.41 16.91
CA ARG A 27 4.07 -6.66 16.26
C ARG A 27 5.27 -7.25 17.00
N ASN A 28 5.64 -6.66 18.12
CA ASN A 28 6.80 -7.12 18.87
C ASN A 28 8.14 -6.88 18.15
N VAL A 29 8.23 -5.82 17.37
CA VAL A 29 9.46 -5.48 16.69
C VAL A 29 10.30 -4.67 17.69
N LYS A 30 11.55 -5.06 17.82
CA LYS A 30 12.46 -4.36 18.69
C LYS A 30 12.84 -3.04 18.06
N ILE A 31 12.64 -1.95 18.81
CA ILE A 31 12.87 -0.61 18.28
C ILE A 31 14.17 0.06 18.70
N ILE A 32 14.90 0.62 17.72
CA ILE A 32 16.07 1.44 18.03
C ILE A 32 15.92 2.85 17.48
N PHE A 33 16.10 3.85 18.33
CA PHE A 33 15.92 5.26 17.93
C PHE A 33 17.21 5.89 17.51
N GLY A 34 17.17 6.57 16.35
CA GLY A 34 18.26 7.44 15.90
C GLY A 34 17.83 8.88 16.16
N ILE A 35 18.53 9.55 17.05
CA ILE A 35 18.08 10.87 17.52
C ILE A 35 19.12 11.93 17.18
N TRP A 36 18.66 13.02 16.58
CA TRP A 36 19.55 14.07 16.08
C TRP A 36 20.30 14.71 17.30
N PRO A 37 21.65 14.75 17.24
CA PRO A 37 22.41 15.21 18.43
C PRO A 37 21.86 16.50 19.14
N PRO A 38 21.57 17.60 18.40
CA PRO A 38 21.06 18.77 19.10
C PRO A 38 19.91 18.50 20.06
N VAL A 39 19.12 17.46 19.82
CA VAL A 39 17.94 17.19 20.65
C VAL A 39 18.05 15.87 21.43
N TYR A 40 19.23 15.25 21.40
CA TYR A 40 19.48 13.97 22.08
C TYR A 40 19.32 14.02 23.60
N ASN A 41 20.06 14.91 24.24
CA ASN A 41 20.06 15.07 25.69
C ASN A 41 18.70 15.48 26.22
N ILE A 42 18.05 16.45 25.58
CA ILE A 42 16.70 16.83 25.98
C ILE A 42 15.73 15.64 25.89
N PHE A 43 15.85 14.84 24.82
CA PHE A 43 14.99 13.67 24.64
C PHE A 43 15.22 12.66 25.77
N MET A 44 16.50 12.42 26.04
CA MET A 44 16.91 11.47 27.04
C MET A 44 16.35 11.91 28.40
N LYS A 45 16.52 13.20 28.70
CA LYS A 45 16.01 13.79 29.92
C LYS A 45 14.50 13.59 30.01
N ASN A 46 13.76 14.01 29.01
CA ASN A 46 12.32 13.82 29.04
C ASN A 46 11.93 12.35 29.28
N TYR A 47 12.56 11.43 28.56
CA TYR A 47 12.32 10.01 28.76
C TYR A 47 12.54 9.59 30.22
N LYS A 48 13.75 9.84 30.72
CA LYS A 48 14.13 9.49 32.09
C LYS A 48 13.06 10.01 33.06
N ASN A 49 12.61 11.24 32.81
CA ASN A 49 11.59 11.91 33.63
C ASN A 49 10.14 11.43 33.43
N GLY A 50 9.92 10.41 32.61
CA GLY A 50 8.58 9.83 32.42
C GLY A 50 7.62 10.65 31.59
N LYS A 51 8.13 11.60 30.81
CA LYS A 51 7.26 12.44 30.00
C LYS A 51 6.52 11.69 28.91
N PHE A 52 7.01 10.50 28.57
CA PHE A 52 6.51 9.76 27.43
C PHE A 52 5.80 8.47 27.83
N ASP A 53 5.71 8.24 29.14
CA ASP A 53 5.13 7.02 29.68
C ASP A 53 3.76 6.75 29.12
N ASN A 54 2.88 7.76 29.12
CA ASN A 54 1.54 7.59 28.54
C ASN A 54 1.58 7.30 27.03
N ASP A 55 2.49 7.95 26.33
CA ASP A 55 2.61 7.74 24.89
C ASP A 55 3.18 6.41 24.49
N MET A 56 3.76 5.69 25.45
CA MET A 56 4.33 4.37 25.19
C MET A 56 3.35 3.22 25.34
N ILE A 57 2.14 3.52 25.85
CA ILE A 57 1.13 2.49 26.10
C ILE A 57 0.61 1.99 24.77
N ILE A 58 0.66 0.69 24.55
CA ILE A 58 0.13 0.11 23.30
C ILE A 58 -1.33 -0.26 23.54
N ASP A 59 -1.57 -1.01 24.62
CA ASP A 59 -2.92 -1.31 25.16
C ASP A 59 -2.82 -2.10 26.44
N LYS A 60 -3.94 -2.68 26.89
CA LYS A 60 -4.01 -3.44 28.13
C LYS A 60 -2.73 -4.24 28.36
N ASP A 61 -2.34 -5.05 27.39
CA ASP A 61 -1.14 -5.88 27.49
C ASP A 61 0.23 -5.20 27.64
N LYS A 62 0.61 -4.34 26.70
CA LYS A 62 2.00 -3.89 26.75
C LYS A 62 2.40 -2.46 26.41
N LYS A 63 3.54 -2.12 26.99
CA LYS A 63 4.35 -0.92 26.78
C LYS A 63 5.31 -1.15 25.60
N MET A 64 5.54 -0.10 24.80
CA MET A 64 6.56 -0.07 23.74
C MET A 64 7.94 -0.57 24.25
N ASN A 65 8.58 -1.46 23.48
CA ASN A 65 9.89 -1.97 23.84
C ASN A 65 11.00 -1.31 23.04
N ILE A 66 11.58 -0.27 23.63
CA ILE A 66 12.69 0.41 23.02
C ILE A 66 14.01 -0.29 23.37
N LEU A 67 14.61 -0.94 22.38
CA LEU A 67 15.90 -1.61 22.58
C LEU A 67 17.03 -0.60 22.94
N ASP A 68 17.12 0.51 22.22
CA ASP A 68 18.20 1.47 22.38
C ASP A 68 17.86 2.85 21.80
N MET A 69 18.61 3.85 22.26
CA MET A 69 18.48 5.21 21.74
C MET A 69 19.89 5.78 21.52
N LEU A 70 20.14 6.21 20.29
CA LEU A 70 21.49 6.59 19.88
C LEU A 70 21.51 7.96 19.19
N PRO A 71 22.55 8.75 19.47
CA PRO A 71 22.62 9.98 18.68
C PRO A 71 22.91 9.64 17.23
N PHE A 72 22.27 10.36 16.30
CA PHE A 72 22.40 10.07 14.87
C PHE A 72 22.26 11.35 14.08
N ASP A 73 23.28 11.68 13.31
CA ASP A 73 23.23 12.82 12.43
C ASP A 73 23.39 12.40 10.98
N ALA A 74 22.35 12.66 10.20
CA ALA A 74 22.31 12.37 8.77
C ALA A 74 23.17 13.31 7.91
N SER A 75 23.71 14.36 8.51
CA SER A 75 24.61 15.26 7.79
C SER A 75 25.95 14.61 7.48
N PHE A 76 26.33 13.61 8.28
CA PHE A 76 27.68 13.03 8.21
C PHE A 76 27.71 11.56 7.90
N ASP A 77 28.36 11.19 6.81
CA ASP A 77 28.48 9.77 6.42
C ASP A 77 29.48 8.98 7.22
N THR A 78 30.62 9.58 7.54
CA THR A 78 31.66 8.91 8.30
C THR A 78 32.32 9.88 9.27
N ALA A 79 33.09 9.30 10.19
CA ALA A 79 33.90 10.07 11.15
C ALA A 79 34.71 11.20 10.47
N ASN A 80 35.34 10.87 9.35
CA ASN A 80 36.08 11.86 8.56
C ASN A 80 35.27 13.08 8.13
N ASP A 81 33.94 12.95 8.11
CA ASP A 81 33.10 14.00 7.54
C ASP A 81 32.76 15.11 8.50
N ILE A 82 33.05 14.94 9.78
CA ILE A 82 32.74 16.00 10.74
C ILE A 82 33.78 17.13 10.73
N ASP A 83 33.29 18.37 10.67
CA ASP A 83 34.13 19.58 10.72
C ASP A 83 34.33 20.08 12.14
N GLU A 84 35.34 20.96 12.31
CA GLU A 84 35.74 21.54 13.60
C GLU A 84 34.63 22.21 14.42
N GLU A 85 33.80 23.02 13.76
CA GLU A 85 32.69 23.75 14.40
C GLU A 85 31.69 22.82 15.12
N THR A 86 31.48 21.62 14.55
CA THR A 86 30.57 20.61 15.09
C THR A 86 31.24 19.80 16.22
N LYS A 87 32.47 19.34 15.98
CA LYS A 87 33.31 18.72 17.00
C LYS A 87 33.40 19.57 18.29
N ASN A 88 33.52 20.90 18.10
CA ASN A 88 33.65 21.87 19.18
C ASN A 88 32.32 22.42 19.73
N ASN A 89 31.20 21.86 19.28
CA ASN A 89 29.87 22.37 19.60
C ASN A 89 29.32 21.83 20.92
N LYS A 90 28.72 22.71 21.72
CA LYS A 90 28.13 22.35 23.02
C LYS A 90 27.50 20.95 23.03
N ARG A 91 26.53 20.71 22.16
CA ARG A 91 25.73 19.48 22.15
C ARG A 91 26.44 18.25 21.58
N TYR A 92 27.36 18.46 20.65
CA TYR A 92 28.07 17.36 19.99
C TYR A 92 29.31 16.88 20.75
N ASN A 93 30.06 17.83 21.32
CA ASN A 93 31.34 17.53 21.98
C ASN A 93 31.21 16.36 22.95
N MET A 94 30.02 16.23 23.56
CA MET A 94 29.73 15.22 24.58
C MET A 94 29.15 13.91 24.03
N LEU A 95 29.18 13.72 22.71
CA LEU A 95 28.73 12.47 22.12
C LEU A 95 29.74 11.99 21.09
N GLN A 96 29.53 10.77 20.59
CA GLN A 96 30.46 10.17 19.64
C GLN A 96 29.72 9.12 18.84
N ASN A 97 30.33 8.67 17.75
CA ASN A 97 29.82 7.57 16.93
C ASN A 97 28.39 7.81 16.47
N TYR A 98 28.15 9.02 15.99
CA TYR A 98 26.83 9.47 15.61
C TYR A 98 26.71 9.75 14.09
N THR A 99 27.77 9.51 13.33
CA THR A 99 27.69 9.52 11.87
C THR A 99 27.00 8.23 11.40
N ILE A 100 26.56 8.21 10.15
CA ILE A 100 25.77 7.11 9.64
C ILE A 100 26.53 5.79 9.68
N GLU A 101 27.82 5.80 9.33
CA GLU A 101 28.59 4.56 9.37
C GLU A 101 28.83 4.09 10.81
N ASP A 102 29.09 5.03 11.71
CA ASP A 102 29.32 4.68 13.09
C ASP A 102 28.09 4.05 13.73
N VAL A 103 26.92 4.61 13.44
CA VAL A 103 25.68 4.07 13.97
C VAL A 103 25.43 2.63 13.44
N ALA A 104 25.59 2.43 12.14
CA ALA A 104 25.49 1.10 11.57
C ALA A 104 26.42 0.13 12.29
N ASN A 105 27.70 0.50 12.42
CA ASN A 105 28.70 -0.35 13.11
C ASN A 105 28.35 -0.69 14.55
N LEU A 106 27.92 0.33 15.27
CA LEU A 106 27.59 0.26 16.68
C LEU A 106 26.38 -0.61 16.92
N ILE A 107 25.37 -0.51 16.05
CA ILE A 107 24.17 -1.32 16.17
C ILE A 107 24.52 -2.79 15.88
N HIS A 108 25.19 -2.99 14.76
CA HIS A 108 25.69 -4.29 14.42
C HIS A 108 26.56 -4.89 15.53
N GLN A 109 27.37 -4.09 16.21
CA GLN A 109 28.24 -4.62 17.24
C GLN A 109 27.45 -5.01 18.51
N LYS A 110 26.34 -4.33 18.75
CA LYS A 110 25.54 -4.52 19.95
C LYS A 110 24.44 -5.57 19.80
N TYR A 111 23.79 -5.61 18.65
CA TYR A 111 22.54 -6.41 18.49
C TYR A 111 22.53 -7.32 17.27
N GLY A 112 23.58 -7.23 16.46
CA GLY A 112 23.67 -8.05 15.25
C GLY A 112 22.98 -7.45 14.06
N LYS A 113 22.55 -8.33 13.15
CA LYS A 113 21.92 -7.93 11.90
C LYS A 113 20.48 -7.57 12.13
N ILE A 114 20.00 -6.53 11.44
CA ILE A 114 18.62 -6.06 11.58
C ILE A 114 17.87 -6.30 10.28
N ASN A 115 16.58 -6.06 10.27
CA ASN A 115 15.84 -6.35 9.07
C ASN A 115 14.80 -5.33 8.68
N MET A 116 14.81 -4.17 9.36
CA MET A 116 13.85 -3.11 9.12
C MET A 116 14.51 -1.77 9.35
N LEU A 117 14.38 -0.89 8.37
CA LEU A 117 15.04 0.37 8.39
C LEU A 117 14.01 1.46 8.08
N VAL A 118 14.00 2.55 8.88
CA VAL A 118 13.08 3.67 8.67
C VAL A 118 13.81 5.04 8.64
N HIS A 119 13.67 5.69 7.50
CA HIS A 119 14.10 7.07 7.30
C HIS A 119 12.86 7.98 7.57
N SER A 120 12.93 8.75 8.64
CA SER A 120 11.80 9.60 8.99
C SER A 120 12.33 10.92 9.47
N LEU A 121 13.02 11.62 8.59
CA LEU A 121 13.70 12.83 8.91
C LEU A 121 13.84 13.68 7.65
N ALA A 122 13.89 15.00 7.85
CA ALA A 122 14.13 15.97 6.78
C ALA A 122 14.67 17.24 7.42
N ASN A 123 15.34 18.07 6.64
CA ASN A 123 15.79 19.38 7.09
C ASN A 123 16.14 20.22 5.89
N ALA A 124 16.10 21.52 6.08
CA ALA A 124 16.29 22.54 5.06
C ALA A 124 16.45 23.84 5.81
N LYS A 125 17.64 24.41 5.77
CA LYS A 125 17.92 25.63 6.48
C LYS A 125 17.03 26.79 5.98
N GLU A 126 16.64 26.75 4.71
CA GLU A 126 15.92 27.88 4.08
C GLU A 126 14.46 27.57 3.74
N VAL A 127 13.88 26.61 4.47
CA VAL A 127 12.50 26.20 4.25
C VAL A 127 11.46 27.34 4.25
N GLN A 128 11.77 28.45 4.91
CA GLN A 128 10.83 29.56 5.00
C GLN A 128 10.87 30.54 3.79
N LYS A 129 11.81 30.33 2.87
CA LYS A 129 11.92 31.13 1.64
C LYS A 129 11.33 30.32 0.49
N ASP A 130 10.76 30.99 -0.52
CA ASP A 130 10.26 30.22 -1.63
C ASP A 130 11.40 29.74 -2.53
N LEU A 131 11.11 28.74 -3.35
CA LEU A 131 12.15 28.12 -4.17
C LEU A 131 13.01 29.11 -4.93
N LEU A 132 12.36 30.12 -5.49
CA LEU A 132 13.00 31.14 -6.32
C LEU A 132 13.96 32.04 -5.52
N ASN A 133 13.74 32.13 -4.21
CA ASN A 133 14.63 32.90 -3.35
C ASN A 133 15.58 32.07 -2.51
N THR A 134 15.62 30.77 -2.77
CA THR A 134 16.48 29.85 -2.05
C THR A 134 17.91 29.90 -2.61
N SER A 135 18.90 30.00 -1.75
CA SER A 135 20.32 29.95 -2.22
C SER A 135 20.78 28.55 -2.58
N ARG A 136 21.89 28.48 -3.32
CA ARG A 136 22.60 27.22 -3.57
C ARG A 136 22.89 26.48 -2.26
N LYS A 137 23.51 27.16 -1.31
CA LYS A 137 23.80 26.56 -0.01
C LYS A 137 22.51 25.99 0.59
N GLY A 138 21.45 26.78 0.63
CA GLY A 138 20.15 26.35 1.15
C GLY A 138 19.52 25.15 0.44
N TYR A 139 19.58 25.16 -0.87
CA TYR A 139 19.00 24.11 -1.69
C TYR A 139 19.67 22.77 -1.48
N LEU A 140 21.01 22.81 -1.59
CA LEU A 140 21.86 21.64 -1.46
C LEU A 140 21.78 21.05 -0.05
N ASP A 141 21.66 21.93 0.95
CA ASP A 141 21.45 21.49 2.34
C ASP A 141 20.19 20.62 2.51
N ALA A 142 19.08 21.08 1.92
CA ALA A 142 17.84 20.36 1.91
C ALA A 142 17.97 18.98 1.24
N LEU A 143 18.56 18.93 0.04
CA LEU A 143 18.88 17.68 -0.64
C LEU A 143 19.86 16.79 0.13
N SER A 144 20.82 17.40 0.83
CA SER A 144 21.85 16.65 1.53
C SER A 144 21.22 15.90 2.71
N LYS A 145 20.39 16.63 3.44
CA LYS A 145 19.86 16.12 4.69
C LYS A 145 18.56 15.37 4.53
N SER A 146 17.79 15.74 3.51
CA SER A 146 16.49 15.12 3.27
C SER A 146 16.46 14.02 2.23
N SER A 147 17.40 14.03 1.28
CA SER A 147 17.40 13.02 0.20
C SER A 147 18.68 12.17 0.16
N TYR A 148 19.86 12.81 0.10
CA TYR A 148 21.09 12.03 0.05
C TYR A 148 21.20 11.15 1.26
N SER A 149 20.76 11.65 2.41
CA SER A 149 20.80 10.88 3.67
C SER A 149 20.15 9.49 3.57
N LEU A 150 19.19 9.32 2.67
CA LEU A 150 18.51 8.04 2.44
C LEU A 150 19.44 7.04 1.74
N ILE A 151 20.04 7.48 0.65
CA ILE A 151 21.07 6.74 -0.05
C ILE A 151 22.23 6.32 0.88
N SER A 152 22.79 7.28 1.62
CA SER A 152 23.87 6.94 2.56
C SER A 152 23.42 5.84 3.55
N LEU A 153 22.23 6.00 4.10
CA LEU A 153 21.74 5.12 5.13
C LEU A 153 21.65 3.72 4.54
N CYS A 154 21.36 3.64 3.24
CA CYS A 154 21.16 2.34 2.59
C CYS A 154 22.52 1.72 2.33
N LYS A 155 23.42 2.51 1.76
CA LYS A 155 24.78 2.08 1.49
C LYS A 155 25.44 1.46 2.72
N TYR A 156 25.26 2.09 3.89
CA TYR A 156 25.93 1.64 5.09
C TYR A 156 25.17 0.57 5.86
N PHE A 157 23.84 0.68 5.87
CA PHE A 157 23.06 -0.27 6.61
C PHE A 157 22.79 -1.61 5.91
N VAL A 158 22.97 -1.71 4.61
CA VAL A 158 22.70 -2.97 3.93
C VAL A 158 23.65 -4.08 4.33
N ASN A 159 24.87 -3.71 4.70
CA ASN A 159 25.86 -4.65 5.21
C ASN A 159 25.42 -5.34 6.51
N ILE A 160 24.51 -4.69 7.23
CA ILE A 160 24.09 -5.16 8.53
C ILE A 160 22.64 -5.56 8.54
N MET A 161 22.08 -5.79 7.36
CA MET A 161 20.69 -6.24 7.24
C MET A 161 20.59 -7.68 6.69
N LYS A 162 19.49 -8.36 6.99
CA LYS A 162 19.27 -9.71 6.49
C LYS A 162 18.65 -9.67 5.11
N PRO A 163 18.86 -10.72 4.31
CA PRO A 163 18.12 -10.78 3.05
C PRO A 163 16.64 -10.67 3.35
N GLN A 164 15.87 -10.15 2.40
CA GLN A 164 14.43 -9.91 2.59
C GLN A 164 14.11 -8.82 3.61
N SER A 165 15.07 -7.93 3.89
CA SER A 165 14.78 -6.81 4.76
C SER A 165 13.97 -5.75 4.02
N SER A 166 13.54 -4.76 4.76
CA SER A 166 12.67 -3.76 4.19
C SER A 166 12.97 -2.38 4.75
N ILE A 167 12.87 -1.39 3.86
CA ILE A 167 13.23 -0.01 4.13
C ILE A 167 12.10 0.94 3.71
N ILE A 168 11.85 1.96 4.54
CA ILE A 168 10.92 3.01 4.16
C ILE A 168 11.41 4.40 4.53
N SER A 169 10.86 5.37 3.82
CA SER A 169 11.05 6.76 4.12
C SER A 169 9.68 7.45 3.97
N LEU A 170 9.63 8.72 4.37
CA LEU A 170 8.41 9.51 4.36
C LEU A 170 8.56 10.66 3.37
N THR A 171 7.53 10.92 2.57
CA THR A 171 7.58 11.96 1.57
C THR A 171 6.29 12.78 1.66
N TYR A 172 6.17 13.76 0.77
CA TYR A 172 5.02 14.62 0.78
C TYR A 172 4.69 15.01 -0.67
N HIS A 173 3.39 15.17 -0.96
CA HIS A 173 2.83 15.37 -2.30
C HIS A 173 3.29 16.68 -2.96
N ALA A 174 3.83 17.61 -2.17
CA ALA A 174 4.51 18.81 -2.70
C ALA A 174 5.59 18.55 -3.76
N SER A 175 6.13 17.31 -3.79
CA SER A 175 7.05 16.87 -4.88
C SER A 175 6.35 16.78 -6.24
N GLN A 176 5.04 16.55 -6.19
CA GLN A 176 4.29 16.26 -7.40
C GLN A 176 3.37 17.38 -7.81
N LYS A 177 2.83 18.08 -6.81
CA LYS A 177 1.94 19.23 -7.04
C LYS A 177 2.40 20.42 -6.18
N VAL A 178 2.08 21.62 -6.64
CA VAL A 178 2.64 22.82 -6.06
C VAL A 178 2.00 23.15 -4.73
N VAL A 179 2.82 23.12 -3.68
CA VAL A 179 2.41 23.61 -2.38
C VAL A 179 3.24 24.86 -2.03
N PRO A 180 2.61 26.03 -2.17
CA PRO A 180 3.21 27.36 -1.94
C PRO A 180 4.14 27.52 -0.74
N GLY A 181 3.72 27.21 0.48
CA GLY A 181 4.68 27.44 1.60
C GLY A 181 5.81 26.42 1.81
N TYR A 182 5.83 25.37 1.00
CA TYR A 182 6.79 24.28 1.20
C TYR A 182 8.05 24.62 0.44
N GLY A 183 8.84 25.54 1.02
CA GLY A 183 9.99 26.12 0.31
C GLY A 183 11.37 25.55 0.67
N GLY A 184 12.40 26.27 0.23
CA GLY A 184 13.79 25.97 0.65
C GLY A 184 14.40 24.76 -0.05
N GLY A 185 13.66 24.24 -1.03
CA GLY A 185 14.04 23.07 -1.78
C GLY A 185 13.57 21.77 -1.16
N MET A 186 12.71 21.86 -0.16
CA MET A 186 12.02 20.68 0.37
C MET A 186 11.16 19.95 -0.69
N SER A 187 10.48 20.71 -1.55
CA SER A 187 9.70 20.11 -2.65
C SER A 187 10.66 19.37 -3.55
N SER A 188 11.81 19.99 -3.79
CA SER A 188 12.84 19.43 -4.65
C SER A 188 13.41 18.16 -3.99
N ALA A 189 13.73 18.27 -2.70
CA ALA A 189 14.29 17.15 -1.94
C ALA A 189 13.39 15.90 -1.96
N LYS A 190 12.08 16.16 -1.91
CA LYS A 190 11.10 15.12 -1.86
C LYS A 190 10.93 14.47 -3.23
N ALA A 191 11.07 15.29 -4.27
CA ALA A 191 11.03 14.79 -5.64
C ALA A 191 12.19 13.85 -5.89
N ALA A 192 13.38 14.24 -5.41
CA ALA A 192 14.55 13.41 -5.59
C ALA A 192 14.40 12.11 -4.84
N LEU A 193 13.81 12.19 -3.65
CA LEU A 193 13.64 11.05 -2.77
C LEU A 193 12.71 9.97 -3.42
N GLU A 194 11.59 10.41 -3.99
CA GLU A 194 10.63 9.47 -4.55
C GLU A 194 11.25 8.74 -5.75
N SER A 195 12.09 9.46 -6.49
CA SER A 195 12.80 8.93 -7.65
C SER A 195 13.94 7.99 -7.23
N ASP A 196 14.81 8.48 -6.34
CA ASP A 196 15.77 7.65 -5.62
C ASP A 196 15.13 6.37 -5.04
N THR A 197 13.88 6.42 -4.59
CA THR A 197 13.24 5.21 -4.05
C THR A 197 13.14 4.11 -5.15
N ARG A 198 12.83 4.56 -6.37
CA ARG A 198 12.77 3.66 -7.51
C ARG A 198 14.15 3.08 -7.83
N VAL A 199 15.12 3.96 -8.01
CA VAL A 199 16.46 3.54 -8.42
C VAL A 199 17.07 2.59 -7.38
N LEU A 200 16.99 2.98 -6.11
CA LEU A 200 17.38 2.11 -5.00
C LEU A 200 16.66 0.77 -5.01
N ALA A 201 15.36 0.77 -5.29
CA ALA A 201 14.59 -0.49 -5.35
C ALA A 201 15.19 -1.47 -6.36
N TYR A 202 15.59 -0.96 -7.53
CA TYR A 202 16.31 -1.72 -8.52
C TYR A 202 17.60 -2.37 -7.95
N HIS A 203 18.52 -1.54 -7.43
CA HIS A 203 19.81 -2.01 -6.96
C HIS A 203 19.69 -2.96 -5.76
N LEU A 204 18.94 -2.56 -4.74
CA LEU A 204 18.75 -3.33 -3.51
C LEU A 204 17.97 -4.60 -3.74
N GLY A 205 17.03 -4.56 -4.68
CA GLY A 205 16.23 -5.73 -5.00
C GLY A 205 17.02 -6.76 -5.79
N ARG A 206 17.75 -6.32 -6.81
CA ARG A 206 18.54 -7.23 -7.62
C ARG A 206 19.77 -7.76 -6.88
N ASN A 207 20.43 -6.89 -6.13
CA ASN A 207 21.70 -7.23 -5.51
C ASN A 207 21.55 -7.84 -4.11
N TYR A 208 20.47 -7.56 -3.40
CA TYR A 208 20.35 -8.02 -2.01
C TYR A 208 19.01 -8.59 -1.64
N ASN A 209 18.06 -8.52 -2.58
CA ASN A 209 16.68 -8.90 -2.31
C ASN A 209 16.05 -8.08 -1.20
N ILE A 210 16.37 -6.80 -1.14
CA ILE A 210 15.84 -5.89 -0.14
C ILE A 210 14.85 -4.93 -0.82
N ARG A 211 13.74 -4.67 -0.16
CA ARG A 211 12.73 -3.78 -0.69
C ARG A 211 12.85 -2.38 -0.08
N ILE A 212 12.45 -1.37 -0.83
CA ILE A 212 12.40 -0.01 -0.32
C ILE A 212 11.16 0.64 -0.91
N ASN A 213 10.39 1.34 -0.08
CA ASN A 213 9.25 2.11 -0.49
C ASN A 213 9.21 3.42 0.30
N THR A 214 8.35 4.34 -0.14
CA THR A 214 8.18 5.59 0.56
C THR A 214 6.69 5.89 0.80
N ILE A 215 6.39 6.48 1.94
CA ILE A 215 5.02 6.75 2.29
C ILE A 215 4.79 8.24 2.14
N SER A 216 3.79 8.60 1.36
CA SER A 216 3.47 10.00 1.20
C SER A 216 2.38 10.30 2.15
N ALA A 217 2.77 10.90 3.28
CA ALA A 217 1.82 11.15 4.39
C ALA A 217 1.06 12.45 4.23
N GLY A 218 -0.16 12.49 4.79
CA GLY A 218 -0.90 13.75 4.90
C GLY A 218 -0.30 14.58 6.03
N PRO A 219 -0.93 15.74 6.33
CA PRO A 219 -0.37 16.69 7.35
C PRO A 219 -0.53 16.23 8.83
N LEU A 220 0.55 16.33 9.59
CA LEU A 220 0.52 16.05 11.01
C LEU A 220 1.20 17.21 11.72
N LYS A 221 0.58 17.69 12.81
CA LYS A 221 1.17 18.80 13.56
C LYS A 221 2.35 18.33 14.45
N SER A 222 3.52 18.22 13.83
CA SER A 222 4.75 17.78 14.50
C SER A 222 5.69 18.96 14.71
N ARG A 223 6.86 18.73 15.33
CA ARG A 223 7.84 19.81 15.55
C ARG A 223 8.15 20.51 14.26
N ALA A 224 8.63 19.74 13.28
CA ALA A 224 9.10 20.31 12.02
C ALA A 224 8.00 20.96 11.19
N ALA A 225 6.79 20.43 11.27
CA ALA A 225 5.67 21.05 10.55
C ALA A 225 5.44 22.48 11.07
N THR A 226 5.54 22.67 12.39
CA THR A 226 5.36 23.97 13.03
C THR A 226 6.42 24.98 12.58
N ALA A 227 7.51 24.50 11.98
CA ALA A 227 8.58 25.37 11.49
C ALA A 227 8.28 26.03 10.12
N ILE A 228 7.24 25.56 9.43
CA ILE A 228 6.95 26.04 8.07
C ILE A 228 6.03 27.27 8.05
N ASN A 229 6.26 28.16 7.08
CA ASN A 229 5.39 29.33 6.80
C ASN A 229 4.88 29.32 5.37
N THR A 272 1.20 27.83 11.32
CA THR A 272 -0.03 28.19 10.65
C THR A 272 -0.14 27.48 9.31
N PHE A 273 0.98 27.38 8.59
CA PHE A 273 0.96 26.57 7.39
C PHE A 273 0.34 25.21 7.72
N ILE A 274 0.87 24.57 8.76
CA ILE A 274 0.41 23.27 9.18
C ILE A 274 -1.04 23.31 9.69
N ASP A 275 -1.47 24.43 10.26
CA ASP A 275 -2.86 24.54 10.72
C ASP A 275 -3.82 24.62 9.54
N TYR A 276 -3.40 25.38 8.51
CA TYR A 276 -4.10 25.45 7.25
C TYR A 276 -4.18 24.08 6.57
N ALA A 277 -3.06 23.37 6.48
CA ALA A 277 -2.98 22.10 5.76
C ALA A 277 -3.93 21.10 6.35
N ILE A 278 -3.99 21.10 7.68
CA ILE A 278 -4.81 20.15 8.44
C ILE A 278 -6.29 20.49 8.30
N GLU A 279 -6.64 21.78 8.46
CA GLU A 279 -8.04 22.19 8.28
C GLU A 279 -8.58 21.82 6.89
N TYR A 280 -7.78 22.15 5.87
CA TYR A 280 -8.13 21.90 4.45
C TYR A 280 -8.32 20.40 4.24
N SER A 281 -7.33 19.61 4.65
CA SER A 281 -7.38 18.17 4.54
C SER A 281 -8.64 17.55 5.19
N GLU A 282 -8.93 17.97 6.41
CA GLU A 282 -10.09 17.47 7.15
C GLU A 282 -11.42 17.92 6.54
N LYS A 283 -11.38 19.00 5.76
CA LYS A 283 -12.58 19.54 5.13
C LYS A 283 -12.81 18.96 3.71
N TYR A 284 -11.74 18.70 2.99
CA TYR A 284 -11.84 18.33 1.59
C TYR A 284 -11.40 16.88 1.26
N ALA A 285 -10.63 16.21 2.15
CA ALA A 285 -10.26 14.82 1.85
C ALA A 285 -11.51 13.94 1.76
N PRO A 286 -11.45 12.87 0.94
CA PRO A 286 -12.54 11.93 0.85
C PRO A 286 -12.96 11.37 2.19
N LEU A 287 -12.00 11.06 3.06
CA LEU A 287 -12.26 10.56 4.40
C LEU A 287 -12.12 11.72 5.39
N ARG A 288 -13.23 12.14 5.97
CA ARG A 288 -13.21 13.26 6.88
C ARG A 288 -12.93 12.76 8.29
N GLN A 289 -11.67 12.40 8.53
CA GLN A 289 -11.24 11.87 9.80
CA GLN A 289 -11.21 11.83 9.79
C GLN A 289 -9.89 12.49 10.13
N LYS A 290 -9.60 12.62 11.42
CA LYS A 290 -8.31 13.14 11.85
C LYS A 290 -7.21 12.13 11.47
N LEU A 291 -6.24 12.60 10.72
CA LEU A 291 -5.10 11.75 10.41
C LEU A 291 -4.20 11.64 11.62
N LEU A 292 -3.90 10.41 12.00
CA LEU A 292 -3.00 10.15 13.13
C LEU A 292 -1.66 9.58 12.68
N SER A 293 -0.61 9.85 13.46
CA SER A 293 0.69 9.27 13.15
C SER A 293 0.68 7.74 13.14
N THR A 294 -0.19 7.14 13.93
CA THR A 294 -0.32 5.68 13.92
C THR A 294 -1.03 5.15 12.65
N ASP A 295 -1.81 6.04 11.98
CA ASP A 295 -2.36 5.70 10.67
C ASP A 295 -1.22 5.44 9.69
N ILE A 296 -0.17 6.26 9.75
CA ILE A 296 1.01 6.06 8.90
C ILE A 296 1.83 4.85 9.41
N GLY A 297 1.82 4.69 10.73
CA GLY A 297 2.57 3.66 11.41
C GLY A 297 2.08 2.27 11.06
N SER A 298 0.77 2.13 10.91
CA SER A 298 0.18 0.84 10.60
C SER A 298 0.52 0.48 9.16
N VAL A 299 0.67 1.47 8.29
CA VAL A 299 1.06 1.24 6.91
C VAL A 299 2.57 0.94 6.82
N ALA A 300 3.36 1.71 7.57
CA ALA A 300 4.81 1.52 7.61
C ALA A 300 5.10 0.09 8.02
N SER A 301 4.43 -0.35 9.10
CA SER A 301 4.50 -1.71 9.64
C SER A 301 4.20 -2.80 8.64
N PHE A 302 3.12 -2.64 7.88
CA PHE A 302 2.80 -3.57 6.80
C PHE A 302 3.91 -3.64 5.73
N LEU A 303 4.42 -2.48 5.31
CA LEU A 303 5.43 -2.38 4.25
C LEU A 303 6.77 -2.89 4.69
N LEU A 304 6.97 -2.91 6.01
CA LEU A 304 8.23 -3.38 6.57
C LEU A 304 8.12 -4.89 6.86
N SER A 305 6.91 -5.42 6.80
CA SER A 305 6.70 -6.86 7.03
C SER A 305 6.80 -7.66 5.74
N ARG A 306 6.73 -8.97 5.90
CA ARG A 306 6.72 -9.89 4.79
C ARG A 306 5.44 -9.87 4.03
N GLU A 307 4.38 -9.32 4.61
CA GLU A 307 3.08 -9.26 3.94
C GLU A 307 3.14 -8.51 2.60
N SER A 308 4.04 -7.53 2.52
CA SER A 308 4.20 -6.71 1.34
C SER A 308 5.42 -7.18 0.53
N ARG A 309 5.73 -8.47 0.62
CA ARG A 309 6.84 -9.12 -0.14
C ARG A 309 6.93 -8.73 -1.64
N ALA A 310 5.80 -8.46 -2.27
CA ALA A 310 5.80 -8.14 -3.67
C ALA A 310 5.76 -6.65 -4.05
N ILE A 311 5.91 -5.76 -3.06
CA ILE A 311 5.83 -4.30 -3.28
C ILE A 311 7.19 -3.60 -3.08
N THR A 312 7.68 -2.93 -4.12
CA THR A 312 8.94 -2.24 -3.99
C THR A 312 9.03 -1.06 -4.95
N GLY A 313 9.76 -0.04 -4.51
CA GLY A 313 10.01 1.17 -5.29
C GLY A 313 8.79 2.05 -5.41
N GLN A 314 7.84 1.89 -4.48
CA GLN A 314 6.57 2.57 -4.60
C GLN A 314 6.44 3.81 -3.66
N THR A 315 5.64 4.79 -4.10
CA THR A 315 5.18 5.87 -3.27
C THR A 315 3.73 5.56 -2.90
N ILE A 316 3.53 5.24 -1.61
CA ILE A 316 2.22 4.87 -1.12
C ILE A 316 1.65 6.08 -0.39
N TYR A 317 0.47 6.55 -0.82
CA TYR A 317 -0.22 7.68 -0.23
C TYR A 317 -1.05 7.24 0.98
N VAL A 318 -0.78 7.90 2.09
CA VAL A 318 -1.50 7.68 3.34
C VAL A 318 -1.95 9.05 3.85
N ASP A 319 -3.07 9.53 3.32
CA ASP A 319 -3.41 10.94 3.45
C ASP A 319 -4.91 11.11 3.41
N ASN A 320 -5.65 10.07 3.80
CA ASN A 320 -7.12 10.12 3.74
C ASN A 320 -7.67 10.44 2.35
N GLY A 321 -6.85 10.17 1.31
CA GLY A 321 -7.24 10.27 -0.10
C GLY A 321 -7.10 11.66 -0.70
N LEU A 322 -6.65 12.62 0.10
CA LEU A 322 -6.60 14.02 -0.34
C LEU A 322 -5.96 14.20 -1.71
N ASN A 323 -4.86 13.49 -1.95
CA ASN A 323 -4.15 13.58 -3.23
C ASN A 323 -5.01 13.34 -4.47
N ILE A 324 -6.15 12.70 -4.34
CA ILE A 324 -6.98 12.40 -5.54
C ILE A 324 -7.84 13.60 -6.02
N MET A 325 -8.00 14.61 -5.17
CA MET A 325 -8.92 15.72 -5.47
C MET A 325 -8.27 16.72 -6.42
N PHE A 326 -9.05 17.28 -7.34
CA PHE A 326 -8.61 18.40 -8.15
C PHE A 326 -9.21 19.65 -7.55
N LEU A 327 -10.51 19.81 -7.76
CA LEU A 327 -11.26 20.96 -7.31
C LEU A 327 -11.81 20.64 -5.91
N PRO A 328 -11.48 21.50 -4.91
CA PRO A 328 -12.27 21.55 -3.66
C PRO A 328 -13.75 21.72 -4.00
N ASP A 329 -14.65 21.16 -3.20
CA ASP A 329 -16.10 21.17 -3.52
C ASP A 329 -16.98 21.99 -2.55
N ASN B 1 -14.30 -10.91 15.60
CA ASN B 1 -14.88 -11.39 14.29
C ASN B 1 -16.03 -10.48 13.83
N GLU B 2 -16.97 -11.06 13.07
CA GLU B 2 -17.97 -10.30 12.34
C GLU B 2 -17.39 -9.73 11.05
N ASP B 3 -16.22 -10.24 10.65
CA ASP B 3 -15.60 -9.88 9.35
C ASP B 3 -16.05 -10.82 8.26
N ILE B 4 -16.86 -10.30 7.36
CA ILE B 4 -17.34 -11.05 6.22
C ILE B 4 -16.94 -10.38 4.89
N CYS B 5 -16.33 -11.17 4.02
CA CYS B 5 -15.94 -10.69 2.72
C CYS B 5 -16.68 -11.39 1.57
N PHE B 6 -17.20 -10.60 0.64
CA PHE B 6 -17.75 -11.15 -0.58
C PHE B 6 -16.72 -10.97 -1.67
N ILE B 7 -16.29 -12.09 -2.25
CA ILE B 7 -15.35 -12.09 -3.35
C ILE B 7 -16.06 -12.40 -4.66
N ALA B 8 -16.14 -11.40 -5.52
CA ALA B 8 -16.80 -11.53 -6.81
C ALA B 8 -15.76 -11.81 -7.91
N GLY B 9 -15.79 -13.03 -8.46
CA GLY B 9 -14.87 -13.45 -9.52
C GLY B 9 -13.98 -14.61 -9.13
N ILE B 10 -14.60 -15.79 -8.97
CA ILE B 10 -13.87 -17.01 -8.65
C ILE B 10 -14.46 -18.15 -9.48
N GLY B 11 -13.59 -18.93 -10.08
CA GLY B 11 -14.03 -20.01 -10.95
C GLY B 11 -13.24 -21.26 -10.63
N ASP B 12 -12.09 -21.07 -10.01
CA ASP B 12 -11.18 -22.17 -9.66
C ASP B 12 -10.15 -21.64 -8.67
N THR B 13 -9.10 -22.42 -8.46
CA THR B 13 -8.08 -22.10 -7.49
C THR B 13 -6.81 -21.56 -8.10
N ASN B 14 -6.85 -21.19 -9.39
CA ASN B 14 -5.66 -20.71 -10.13
C ASN B 14 -5.55 -19.20 -10.30
N GLY B 15 -6.57 -18.48 -9.86
CA GLY B 15 -6.61 -17.03 -10.06
C GLY B 15 -6.25 -16.26 -8.82
N TYR B 16 -6.41 -14.93 -8.87
CA TYR B 16 -6.12 -14.04 -7.72
C TYR B 16 -7.23 -14.11 -6.66
N GLY B 17 -8.48 -14.32 -7.09
CA GLY B 17 -9.58 -14.59 -6.18
C GLY B 17 -9.29 -15.66 -5.13
N TRP B 18 -8.71 -16.77 -5.53
CA TRP B 18 -8.37 -17.86 -4.60
C TRP B 18 -7.29 -17.41 -3.62
N GLY B 19 -6.23 -16.84 -4.18
CA GLY B 19 -5.17 -16.24 -3.37
C GLY B 19 -5.62 -15.20 -2.36
N ILE B 20 -6.59 -14.37 -2.73
CA ILE B 20 -7.20 -13.38 -1.81
C ILE B 20 -8.01 -14.10 -0.70
N ALA B 21 -8.82 -15.09 -1.10
CA ALA B 21 -9.56 -15.94 -0.18
C ALA B 21 -8.68 -16.61 0.86
N LYS B 22 -7.61 -17.30 0.41
CA LYS B 22 -6.67 -17.97 1.30
C LYS B 22 -6.06 -17.00 2.32
N GLU B 23 -5.51 -15.88 1.84
CA GLU B 23 -4.96 -14.85 2.75
C GLU B 23 -5.98 -14.28 3.74
N LEU B 24 -7.21 -14.01 3.28
CA LEU B 24 -8.25 -13.52 4.19
C LEU B 24 -8.62 -14.57 5.23
N SER B 25 -8.71 -15.82 4.81
CA SER B 25 -8.96 -16.94 5.70
C SER B 25 -7.96 -17.01 6.82
N LYS B 26 -6.67 -16.82 6.49
CA LYS B 26 -5.61 -16.76 7.49
C LYS B 26 -5.85 -15.73 8.58
N ARG B 27 -6.71 -14.75 8.30
CA ARG B 27 -7.02 -13.72 9.29
C ARG B 27 -8.41 -13.96 9.88
N ASN B 28 -8.96 -15.16 9.67
CA ASN B 28 -10.27 -15.54 10.23
C ASN B 28 -11.47 -14.77 9.68
N VAL B 29 -11.32 -14.21 8.48
CA VAL B 29 -12.40 -13.53 7.75
C VAL B 29 -13.29 -14.59 7.13
N LYS B 30 -14.59 -14.38 7.26
CA LYS B 30 -15.59 -15.24 6.65
C LYS B 30 -15.64 -14.93 5.16
N ILE B 31 -15.60 -15.98 4.35
CA ILE B 31 -15.52 -15.84 2.89
C ILE B 31 -16.81 -16.26 2.18
N ILE B 32 -17.36 -15.39 1.34
CA ILE B 32 -18.48 -15.77 0.51
C ILE B 32 -18.06 -15.62 -0.95
N PHE B 33 -18.18 -16.69 -1.74
CA PHE B 33 -17.80 -16.65 -3.17
C PHE B 33 -18.98 -16.30 -4.05
N GLY B 34 -18.73 -15.41 -5.03
CA GLY B 34 -19.70 -15.11 -6.10
C GLY B 34 -19.16 -15.66 -7.41
N ILE B 35 -19.84 -16.67 -7.95
CA ILE B 35 -19.34 -17.47 -9.08
C ILE B 35 -20.22 -17.26 -10.32
N TRP B 36 -19.59 -16.90 -11.42
CA TRP B 36 -20.24 -16.73 -12.70
C TRP B 36 -20.93 -18.04 -13.11
N PRO B 37 -22.23 -17.96 -13.49
CA PRO B 37 -23.01 -19.15 -13.82
C PRO B 37 -22.40 -20.09 -14.87
N PRO B 38 -21.75 -19.56 -15.93
CA PRO B 38 -21.16 -20.54 -16.84
C PRO B 38 -20.20 -21.60 -16.22
N VAL B 39 -19.57 -21.31 -15.08
CA VAL B 39 -18.64 -22.24 -14.43
C VAL B 39 -19.04 -22.65 -12.98
N TYR B 40 -20.25 -22.25 -12.56
CA TYR B 40 -20.71 -22.50 -11.20
C TYR B 40 -20.86 -23.99 -10.88
N ASN B 41 -21.54 -24.74 -11.76
CA ASN B 41 -21.76 -26.17 -11.57
C ASN B 41 -20.45 -26.94 -11.54
N ILE B 42 -19.56 -26.65 -12.48
CA ILE B 42 -18.26 -27.31 -12.51
C ILE B 42 -17.47 -26.96 -11.25
N PHE B 43 -17.60 -25.72 -10.80
CA PHE B 43 -16.96 -25.32 -9.55
C PHE B 43 -17.48 -26.14 -8.37
N MET B 44 -18.80 -26.18 -8.18
CA MET B 44 -19.44 -26.94 -7.08
C MET B 44 -19.08 -28.43 -7.06
N LYS B 45 -19.19 -29.11 -8.20
CA LYS B 45 -18.84 -30.54 -8.30
C LYS B 45 -17.40 -30.83 -7.87
N ASN B 46 -16.44 -30.06 -8.40
CA ASN B 46 -15.04 -30.17 -8.00
C ASN B 46 -14.89 -30.02 -6.50
N TYR B 47 -15.58 -29.02 -5.96
CA TYR B 47 -15.50 -28.73 -4.54
C TYR B 47 -16.03 -29.90 -3.70
N LYS B 48 -17.23 -30.35 -4.04
CA LYS B 48 -17.90 -31.48 -3.37
C LYS B 48 -17.07 -32.76 -3.48
N ASN B 49 -16.53 -33.04 -4.68
CA ASN B 49 -15.61 -34.18 -4.89
C ASN B 49 -14.23 -34.01 -4.26
N GLY B 50 -14.08 -33.00 -3.40
CA GLY B 50 -12.83 -32.71 -2.71
C GLY B 50 -11.62 -32.41 -3.59
N LYS B 51 -11.86 -31.90 -4.79
CA LYS B 51 -10.79 -31.55 -5.73
C LYS B 51 -9.97 -30.35 -5.30
N PHE B 52 -10.50 -29.54 -4.38
CA PHE B 52 -9.81 -28.33 -3.92
C PHE B 52 -9.22 -28.47 -2.50
N ASP B 53 -9.42 -29.64 -1.90
CA ASP B 53 -8.92 -29.92 -0.56
C ASP B 53 -7.46 -29.55 -0.36
N ASN B 54 -6.60 -29.95 -1.30
CA ASN B 54 -5.17 -29.61 -1.24
C ASN B 54 -5.00 -28.10 -1.23
N ASP B 55 -5.74 -27.41 -2.09
CA ASP B 55 -5.57 -25.98 -2.31
C ASP B 55 -6.08 -25.12 -1.14
N MET B 56 -6.86 -25.74 -0.27
CA MET B 56 -7.42 -25.06 0.89
C MET B 56 -6.53 -25.12 2.14
N ILE B 57 -5.45 -25.90 2.07
CA ILE B 57 -4.49 -26.01 3.18
C ILE B 57 -3.71 -24.70 3.36
N ILE B 58 -3.84 -24.11 4.55
CA ILE B 58 -3.06 -22.90 4.93
C ILE B 58 -1.67 -23.19 5.50
N ASP B 59 -1.60 -23.58 6.77
CA ASP B 59 -0.30 -23.70 7.48
C ASP B 59 0.10 -25.18 7.56
N LYS B 60 -0.85 -26.09 7.33
CA LYS B 60 -0.85 -27.44 7.90
C LYS B 60 -1.20 -27.36 9.39
N ASP B 61 -1.14 -26.13 9.92
CA ASP B 61 -1.75 -25.78 11.20
C ASP B 61 -3.23 -25.50 10.91
N LYS B 62 -3.53 -24.88 9.74
CA LYS B 62 -4.90 -24.40 9.41
C LYS B 62 -5.41 -24.72 7.99
N LYS B 63 -6.74 -24.66 7.85
CA LYS B 63 -7.44 -24.92 6.57
C LYS B 63 -8.54 -23.88 6.26
N MET B 64 -8.59 -23.40 5.01
CA MET B 64 -9.54 -22.38 4.57
C MET B 64 -10.97 -22.65 5.01
N ASN B 65 -11.74 -21.62 5.32
CA ASN B 65 -13.14 -21.81 5.66
C ASN B 65 -14.01 -20.91 4.78
N ILE B 66 -14.99 -21.52 4.10
CA ILE B 66 -15.85 -20.84 3.15
C ILE B 66 -17.30 -20.79 3.61
N LEU B 67 -17.78 -19.61 3.95
CA LEU B 67 -19.14 -19.43 4.46
C LEU B 67 -20.23 -19.81 3.46
N ASP B 68 -20.02 -19.50 2.19
CA ASP B 68 -21.06 -19.69 1.18
C ASP B 68 -20.53 -19.51 -0.24
N MET B 69 -21.23 -20.16 -1.17
CA MET B 69 -20.92 -20.09 -2.59
C MET B 69 -22.22 -19.69 -3.27
N LEU B 70 -22.15 -18.66 -4.12
CA LEU B 70 -23.35 -18.09 -4.72
C LEU B 70 -23.18 -17.87 -6.22
N PRO B 71 -24.20 -18.22 -7.03
CA PRO B 71 -24.12 -17.85 -8.42
C PRO B 71 -24.19 -16.32 -8.55
N PHE B 72 -23.34 -15.76 -9.42
CA PHE B 72 -23.25 -14.29 -9.56
C PHE B 72 -22.83 -13.88 -10.98
N ASP B 73 -23.62 -12.99 -11.57
CA ASP B 73 -23.26 -12.44 -12.86
C ASP B 73 -23.23 -10.94 -12.80
N ALA B 74 -22.04 -10.38 -12.97
CA ALA B 74 -21.84 -8.94 -12.81
C ALA B 74 -22.31 -8.14 -14.04
N SER B 75 -22.86 -8.84 -15.04
CA SER B 75 -23.51 -8.22 -16.22
C SER B 75 -24.87 -7.60 -15.88
N PHE B 76 -25.50 -8.16 -14.86
CA PHE B 76 -26.87 -7.82 -14.58
C PHE B 76 -26.98 -7.10 -13.26
N ASP B 77 -27.51 -5.89 -13.28
CA ASP B 77 -27.70 -5.11 -12.06
C ASP B 77 -28.88 -5.60 -11.21
N THR B 78 -30.03 -5.78 -11.85
CA THR B 78 -31.24 -6.23 -11.21
C THR B 78 -31.88 -7.31 -12.09
N ALA B 79 -32.73 -8.12 -11.46
CA ALA B 79 -33.63 -9.07 -12.12
C ALA B 79 -34.26 -8.57 -13.41
N ASN B 80 -34.63 -7.29 -13.47
CA ASN B 80 -35.26 -6.70 -14.65
C ASN B 80 -34.31 -6.49 -15.84
N ASP B 81 -33.01 -6.56 -15.58
CA ASP B 81 -31.99 -6.46 -16.60
C ASP B 81 -31.74 -7.76 -17.33
N ILE B 82 -32.07 -8.89 -16.71
CA ILE B 82 -31.86 -10.20 -17.33
C ILE B 82 -32.72 -10.42 -18.59
N ASP B 83 -32.09 -10.58 -19.76
CA ASP B 83 -32.79 -10.82 -21.02
C ASP B 83 -33.43 -12.21 -21.04
N GLU B 84 -34.61 -12.32 -21.66
CA GLU B 84 -35.30 -13.60 -21.78
C GLU B 84 -34.36 -14.79 -22.12
N GLU B 85 -33.47 -14.60 -23.09
CA GLU B 85 -32.60 -15.69 -23.55
C GLU B 85 -31.68 -16.18 -22.43
N THR B 86 -30.98 -15.27 -21.76
CA THR B 86 -30.13 -15.66 -20.64
C THR B 86 -30.90 -16.42 -19.56
N LYS B 87 -32.09 -15.93 -19.17
CA LYS B 87 -32.85 -16.51 -18.04
C LYS B 87 -33.28 -17.95 -18.33
N ASN B 88 -33.44 -18.25 -19.62
CA ASN B 88 -33.80 -19.57 -20.05
C ASN B 88 -32.62 -20.43 -20.55
N ASN B 89 -31.44 -19.82 -20.55
CA ASN B 89 -30.23 -20.54 -20.95
C ASN B 89 -29.92 -21.75 -20.04
N LYS B 90 -29.46 -22.84 -20.65
CA LYS B 90 -29.17 -24.07 -19.94
C LYS B 90 -28.40 -23.92 -18.65
N ARG B 91 -27.44 -23.00 -18.63
CA ARG B 91 -26.62 -22.79 -17.44
C ARG B 91 -27.27 -21.83 -16.45
N TYR B 92 -28.28 -21.08 -16.90
CA TYR B 92 -28.94 -20.11 -15.99
C TYR B 92 -30.34 -20.52 -15.49
N ASN B 93 -31.08 -21.26 -16.32
CA ASN B 93 -32.41 -21.77 -15.99
C ASN B 93 -32.58 -22.25 -14.52
N MET B 94 -31.59 -23.00 -14.05
CA MET B 94 -31.57 -23.64 -12.74
C MET B 94 -31.19 -22.74 -11.55
N LEU B 95 -30.64 -21.57 -11.84
CA LEU B 95 -30.08 -20.68 -10.81
C LEU B 95 -31.01 -19.52 -10.56
N GLN B 96 -30.92 -18.94 -9.37
CA GLN B 96 -31.74 -17.79 -9.03
C GLN B 96 -30.94 -16.77 -8.20
N ASN B 97 -31.48 -15.55 -8.07
CA ASN B 97 -30.82 -14.44 -7.32
C ASN B 97 -29.35 -14.23 -7.63
N TYR B 98 -29.02 -14.02 -8.90
CA TYR B 98 -27.64 -13.92 -9.33
C TYR B 98 -27.23 -12.54 -9.89
N THR B 99 -28.18 -11.63 -9.99
CA THR B 99 -27.87 -10.25 -10.33
C THR B 99 -27.18 -9.57 -9.16
N ILE B 100 -26.55 -8.44 -9.44
CA ILE B 100 -25.88 -7.67 -8.39
C ILE B 100 -26.80 -7.29 -7.21
N GLU B 101 -28.01 -6.81 -7.50
CA GLU B 101 -28.95 -6.40 -6.45
C GLU B 101 -29.42 -7.61 -5.62
N ASP B 102 -29.81 -8.70 -6.31
CA ASP B 102 -30.31 -9.93 -5.67
C ASP B 102 -29.25 -10.60 -4.80
N VAL B 103 -28.00 -10.63 -5.27
CA VAL B 103 -26.92 -11.17 -4.47
C VAL B 103 -26.69 -10.31 -3.24
N ALA B 104 -26.75 -8.98 -3.39
CA ALA B 104 -26.67 -8.09 -2.23
C ALA B 104 -27.78 -8.40 -1.21
N ASN B 105 -29.05 -8.38 -1.65
CA ASN B 105 -30.21 -8.68 -0.77
C ASN B 105 -30.09 -10.02 -0.11
N LEU B 106 -29.70 -11.03 -0.90
CA LEU B 106 -29.56 -12.39 -0.42
C LEU B 106 -28.59 -12.49 0.71
N ILE B 107 -27.40 -11.94 0.53
CA ILE B 107 -26.33 -11.99 1.51
C ILE B 107 -26.80 -11.26 2.77
N HIS B 108 -27.46 -10.14 2.57
CA HIS B 108 -27.93 -9.37 3.70
C HIS B 108 -28.97 -10.15 4.51
N GLN B 109 -29.92 -10.76 3.82
CA GLN B 109 -30.93 -11.58 4.47
C GLN B 109 -30.26 -12.72 5.24
N LYS B 110 -29.30 -13.40 4.63
CA LYS B 110 -28.68 -14.56 5.26
C LYS B 110 -27.66 -14.25 6.34
N TYR B 111 -26.84 -13.21 6.18
CA TYR B 111 -25.76 -13.00 7.13
C TYR B 111 -25.70 -11.61 7.73
N GLY B 112 -26.62 -10.74 7.34
CA GLY B 112 -26.53 -9.32 7.72
C GLY B 112 -25.50 -8.50 6.93
N LYS B 113 -25.07 -7.40 7.53
CA LYS B 113 -24.12 -6.50 6.91
C LYS B 113 -22.71 -7.07 6.88
N ILE B 114 -22.02 -6.82 5.76
CA ILE B 114 -20.64 -7.25 5.60
C ILE B 114 -19.74 -6.02 5.64
N ASN B 115 -18.43 -6.25 5.75
CA ASN B 115 -17.50 -5.12 5.82
C ASN B 115 -16.36 -5.19 4.80
N MET B 116 -16.37 -6.21 3.94
CA MET B 116 -15.28 -6.39 2.98
C MET B 116 -15.83 -6.85 1.65
N LEU B 117 -15.38 -6.20 0.58
CA LEU B 117 -15.87 -6.47 -0.77
C LEU B 117 -14.73 -6.53 -1.79
N VAL B 118 -14.66 -7.64 -2.52
CA VAL B 118 -13.64 -7.83 -3.55
C VAL B 118 -14.23 -8.02 -4.96
N HIS B 119 -13.83 -7.13 -5.89
CA HIS B 119 -14.10 -7.22 -7.32
C HIS B 119 -12.84 -7.83 -7.92
N SER B 120 -13.00 -9.03 -8.43
CA SER B 120 -11.89 -9.77 -8.97
C SER B 120 -12.28 -10.42 -10.28
N LEU B 121 -12.80 -9.63 -11.21
CA LEU B 121 -13.37 -10.15 -12.44
C LEU B 121 -13.12 -9.20 -13.59
N ALA B 122 -13.08 -9.78 -14.79
CA ALA B 122 -12.99 -9.00 -16.01
C ALA B 122 -13.42 -9.89 -17.15
N ASN B 123 -13.94 -9.28 -18.20
CA ASN B 123 -14.24 -9.98 -19.43
C ASN B 123 -14.27 -9.07 -20.64
N ALA B 124 -14.02 -9.67 -21.80
CA ALA B 124 -13.98 -8.93 -23.05
C ALA B 124 -14.09 -9.92 -24.22
N LYS B 125 -15.18 -9.78 -24.96
CA LYS B 125 -15.45 -10.65 -26.08
C LYS B 125 -14.32 -10.60 -27.11
N GLU B 126 -13.71 -9.43 -27.24
CA GLU B 126 -12.74 -9.21 -28.31
C GLU B 126 -11.31 -9.02 -27.87
N VAL B 127 -10.93 -9.66 -26.76
CA VAL B 127 -9.61 -9.41 -26.14
C VAL B 127 -8.46 -9.79 -27.07
N GLN B 128 -8.75 -10.70 -27.99
CA GLN B 128 -7.77 -11.19 -28.96
C GLN B 128 -7.44 -10.20 -30.08
N LYS B 129 -8.27 -9.17 -30.25
CA LYS B 129 -8.04 -8.17 -31.27
C LYS B 129 -7.37 -6.97 -30.63
N ASP B 130 -6.51 -6.31 -31.37
CA ASP B 130 -5.87 -5.15 -30.86
C ASP B 130 -6.91 -4.03 -30.86
N LEU B 131 -6.61 -2.95 -30.12
CA LEU B 131 -7.54 -1.86 -29.86
C LEU B 131 -8.14 -1.29 -31.15
N LEU B 132 -7.29 -0.90 -32.11
CA LEU B 132 -7.71 -0.39 -33.42
C LEU B 132 -8.73 -1.30 -34.12
N ASN B 133 -8.62 -2.61 -33.93
CA ASN B 133 -9.52 -3.57 -34.58
C ASN B 133 -10.71 -4.04 -33.75
N THR B 134 -10.83 -3.51 -32.52
CA THR B 134 -11.98 -3.79 -31.66
C THR B 134 -13.28 -3.08 -32.15
N SER B 135 -14.38 -3.81 -32.19
CA SER B 135 -15.66 -3.24 -32.60
C SER B 135 -16.29 -2.45 -31.44
N ARG B 136 -17.32 -1.66 -31.75
CA ARG B 136 -18.04 -0.89 -30.73
C ARG B 136 -18.64 -1.82 -29.68
N LYS B 137 -19.36 -2.85 -30.13
CA LYS B 137 -19.93 -3.86 -29.26
C LYS B 137 -18.85 -4.46 -28.35
N GLY B 138 -17.71 -4.87 -28.93
CA GLY B 138 -16.66 -5.48 -28.12
C GLY B 138 -16.14 -4.52 -27.04
N TYR B 139 -15.84 -3.29 -27.45
CA TYR B 139 -15.32 -2.29 -26.54
C TYR B 139 -16.30 -2.03 -25.39
N LEU B 140 -17.59 -1.86 -25.74
CA LEU B 140 -18.60 -1.57 -24.73
C LEU B 140 -18.81 -2.78 -23.82
N ASP B 141 -18.69 -3.98 -24.39
CA ASP B 141 -18.76 -5.22 -23.61
C ASP B 141 -17.68 -5.25 -22.54
N ALA B 142 -16.47 -4.88 -22.94
CA ALA B 142 -15.32 -4.89 -22.04
C ALA B 142 -15.50 -3.89 -20.89
N LEU B 143 -15.97 -2.69 -21.22
CA LEU B 143 -16.20 -1.68 -20.20
C LEU B 143 -17.35 -2.08 -19.29
N SER B 144 -18.40 -2.67 -19.87
CA SER B 144 -19.60 -3.05 -19.12
C SER B 144 -19.29 -4.06 -18.03
N LYS B 145 -18.55 -5.09 -18.41
CA LYS B 145 -18.25 -6.21 -17.53
C LYS B 145 -17.06 -5.98 -16.61
N SER B 146 -16.02 -5.35 -17.13
CA SER B 146 -14.77 -5.12 -16.36
C SER B 146 -14.74 -3.82 -15.53
N SER B 147 -15.47 -2.80 -15.97
CA SER B 147 -15.45 -1.52 -15.26
C SER B 147 -16.80 -1.17 -14.62
N TYR B 148 -17.87 -1.10 -15.40
CA TYR B 148 -19.15 -0.68 -14.84
C TYR B 148 -19.57 -1.58 -13.68
N SER B 149 -19.25 -2.87 -13.81
CA SER B 149 -19.57 -3.84 -12.78
C SER B 149 -19.08 -3.41 -11.41
N LEU B 150 -17.95 -2.73 -11.36
CA LEU B 150 -17.41 -2.22 -10.10
C LEU B 150 -18.30 -1.15 -9.51
N ILE B 151 -18.75 -0.21 -10.35
CA ILE B 151 -19.60 0.90 -9.87
C ILE B 151 -20.94 0.37 -9.34
N SER B 152 -21.53 -0.53 -10.11
CA SER B 152 -22.76 -1.23 -9.74
C SER B 152 -22.64 -2.07 -8.45
N LEU B 153 -21.56 -2.83 -8.30
CA LEU B 153 -21.33 -3.56 -7.05
C LEU B 153 -21.34 -2.60 -5.89
N CYS B 154 -20.72 -1.43 -6.09
CA CYS B 154 -20.66 -0.43 -5.06
C CYS B 154 -22.03 0.11 -4.74
N LYS B 155 -22.75 0.57 -5.75
CA LYS B 155 -24.08 1.12 -5.51
C LYS B 155 -25.00 0.20 -4.68
N TYR B 156 -24.96 -1.12 -4.92
CA TYR B 156 -25.88 -2.05 -4.26
C TYR B 156 -25.37 -2.61 -2.94
N PHE B 157 -24.05 -2.80 -2.85
CA PHE B 157 -23.43 -3.34 -1.67
C PHE B 157 -23.22 -2.29 -0.58
N VAL B 158 -23.15 -1.02 -0.94
CA VAL B 158 -22.98 -0.03 0.12
C VAL B 158 -24.13 -0.02 1.11
N ASN B 159 -25.30 -0.55 0.72
CA ASN B 159 -26.44 -0.63 1.64
C ASN B 159 -26.34 -1.78 2.63
N ILE B 160 -25.51 -2.77 2.34
CA ILE B 160 -25.35 -3.92 3.21
C ILE B 160 -23.98 -3.91 3.87
N MET B 161 -23.31 -2.76 3.85
CA MET B 161 -21.99 -2.67 4.47
C MET B 161 -21.96 -1.66 5.60
N LYS B 162 -21.07 -1.87 6.57
CA LYS B 162 -20.96 -0.99 7.73
C LYS B 162 -20.04 0.16 7.38
N PRO B 163 -20.13 1.28 8.14
CA PRO B 163 -19.11 2.32 7.93
C PRO B 163 -17.75 1.73 8.20
N GLN B 164 -16.70 2.34 7.63
CA GLN B 164 -15.31 1.86 7.73
C GLN B 164 -15.11 0.54 6.99
N SER B 165 -16.08 0.10 6.21
CA SER B 165 -15.83 -0.94 5.24
C SER B 165 -14.83 -0.56 4.10
N SER B 166 -14.29 -1.59 3.47
CA SER B 166 -13.27 -1.45 2.45
C SER B 166 -13.62 -2.32 1.25
N ILE B 167 -13.26 -1.80 0.06
CA ILE B 167 -13.56 -2.39 -1.22
C ILE B 167 -12.28 -2.39 -2.05
N ILE B 168 -11.92 -3.53 -2.63
CA ILE B 168 -10.80 -3.56 -3.57
C ILE B 168 -11.16 -4.17 -4.91
N SER B 169 -10.44 -3.76 -5.94
CA SER B 169 -10.53 -4.41 -7.23
C SER B 169 -9.10 -4.62 -7.76
N LEU B 170 -8.99 -5.33 -8.87
CA LEU B 170 -7.69 -5.68 -9.49
C LEU B 170 -7.58 -5.04 -10.87
N THR B 171 -6.41 -4.52 -11.18
CA THR B 171 -6.17 -3.83 -12.44
C THR B 171 -4.79 -4.27 -13.00
N TYR B 172 -4.40 -3.72 -14.14
CA TYR B 172 -3.18 -4.09 -14.81
C TYR B 172 -2.57 -2.81 -15.44
N HIS B 173 -1.24 -2.73 -15.44
CA HIS B 173 -0.45 -1.56 -15.88
C HIS B 173 -0.70 -1.14 -17.33
N ALA B 174 -1.26 -2.03 -18.15
CA ALA B 174 -1.61 -1.71 -19.54
C ALA B 174 -2.56 -0.49 -19.64
N SER B 175 -3.20 -0.14 -18.53
CA SER B 175 -3.95 1.11 -18.44
C SER B 175 -3.08 2.35 -18.59
N GLN B 176 -1.87 2.29 -18.02
CA GLN B 176 -0.94 3.43 -18.03
C GLN B 176 0.17 3.37 -19.09
N LYS B 177 0.61 2.14 -19.42
CA LYS B 177 1.63 1.94 -20.46
C LYS B 177 1.20 0.87 -21.43
N VAL B 178 1.74 0.92 -22.64
CA VAL B 178 1.26 0.08 -23.72
C VAL B 178 1.72 -1.38 -23.62
N VAL B 179 0.74 -2.27 -23.61
CA VAL B 179 1.05 -3.69 -23.63
C VAL B 179 0.37 -4.28 -24.84
N PRO B 180 1.14 -4.54 -25.90
CA PRO B 180 0.58 -5.22 -27.08
C PRO B 180 0.13 -6.61 -26.65
N GLY B 181 -1.07 -7.00 -27.08
CA GLY B 181 -1.64 -8.28 -26.73
C GLY B 181 -2.79 -8.07 -25.78
N TYR B 182 -2.81 -6.95 -25.07
CA TYR B 182 -3.88 -6.68 -24.12
C TYR B 182 -4.98 -5.93 -24.88
N GLY B 183 -5.76 -6.69 -25.66
CA GLY B 183 -6.67 -6.10 -26.61
C GLY B 183 -8.09 -5.98 -26.15
N GLY B 184 -8.99 -5.69 -27.07
CA GLY B 184 -10.40 -5.74 -26.80
C GLY B 184 -10.96 -4.55 -26.07
N GLY B 185 -10.17 -3.51 -25.82
CA GLY B 185 -10.56 -2.45 -24.89
C GLY B 185 -10.37 -2.85 -23.42
N MET B 186 -9.61 -3.91 -23.16
CA MET B 186 -9.21 -4.24 -21.80
C MET B 186 -8.33 -3.14 -21.15
N SER B 187 -7.41 -2.57 -21.90
CA SER B 187 -6.61 -1.48 -21.44
C SER B 187 -7.53 -0.29 -21.10
N SER B 188 -8.49 -0.07 -21.99
CA SER B 188 -9.48 1.01 -21.83
C SER B 188 -10.25 0.78 -20.55
N ALA B 189 -10.72 -0.42 -20.36
CA ALA B 189 -11.47 -0.79 -19.19
C ALA B 189 -10.71 -0.62 -17.86
N LYS B 190 -9.46 -1.08 -17.81
CA LYS B 190 -8.62 -0.90 -16.66
C LYS B 190 -8.29 0.59 -16.37
N ALA B 191 -8.05 1.40 -17.38
CA ALA B 191 -7.90 2.85 -17.21
C ALA B 191 -9.15 3.52 -16.57
N ALA B 192 -10.34 3.08 -17.00
CA ALA B 192 -11.62 3.61 -16.48
C ALA B 192 -11.83 3.17 -15.02
N LEU B 193 -11.60 1.87 -14.78
CA LEU B 193 -11.59 1.28 -13.45
C LEU B 193 -10.70 2.05 -12.47
N GLU B 194 -9.53 2.48 -12.95
CA GLU B 194 -8.55 3.10 -12.06
C GLU B 194 -8.97 4.57 -11.76
N SER B 195 -9.54 5.22 -12.77
CA SER B 195 -10.17 6.53 -12.60
C SER B 195 -11.48 6.44 -11.76
N ASP B 196 -12.30 5.42 -12.01
CA ASP B 196 -13.54 5.28 -11.26
C ASP B 196 -13.24 4.99 -9.79
N THR B 197 -12.11 4.36 -9.54
CA THR B 197 -11.69 4.09 -8.18
C THR B 197 -11.51 5.39 -7.37
N ARG B 198 -10.99 6.44 -8.00
CA ARG B 198 -10.84 7.74 -7.36
C ARG B 198 -12.17 8.43 -7.16
N VAL B 199 -12.96 8.51 -8.21
CA VAL B 199 -14.28 9.13 -8.14
C VAL B 199 -15.15 8.47 -7.05
N LEU B 200 -15.16 7.13 -7.00
CA LEU B 200 -15.92 6.41 -6.00
C LEU B 200 -15.34 6.58 -4.58
N ALA B 201 -14.03 6.81 -4.46
CA ALA B 201 -13.39 7.02 -3.16
C ALA B 201 -13.95 8.32 -2.57
N TYR B 202 -14.13 9.29 -3.44
CA TYR B 202 -14.75 10.54 -3.07
C TYR B 202 -16.16 10.34 -2.52
N HIS B 203 -17.06 9.79 -3.34
CA HIS B 203 -18.48 9.66 -2.96
C HIS B 203 -18.63 8.74 -1.73
N LEU B 204 -17.98 7.57 -1.78
CA LEU B 204 -18.09 6.55 -0.72
C LEU B 204 -17.45 6.99 0.59
N GLY B 205 -16.39 7.79 0.48
CA GLY B 205 -15.70 8.29 1.66
C GLY B 205 -16.50 9.37 2.35
N ARG B 206 -16.99 10.33 1.59
CA ARG B 206 -17.78 11.42 2.16
C ARG B 206 -19.15 10.95 2.65
N ASN B 207 -19.89 10.19 1.83
CA ASN B 207 -21.26 9.76 2.19
C ASN B 207 -21.38 8.55 3.10
N TYR B 208 -20.38 7.66 3.13
CA TYR B 208 -20.50 6.39 3.84
C TYR B 208 -19.33 6.03 4.71
N ASN B 209 -18.25 6.78 4.58
CA ASN B 209 -17.02 6.46 5.33
C ASN B 209 -16.47 5.08 4.92
N ILE B 210 -16.57 4.79 3.63
CA ILE B 210 -16.13 3.52 3.06
C ILE B 210 -14.97 3.77 2.11
N ARG B 211 -13.94 2.94 2.24
CA ARG B 211 -12.75 3.03 1.40
C ARG B 211 -12.81 2.14 0.15
N ILE B 212 -12.15 2.60 -0.91
CA ILE B 212 -12.01 1.82 -2.15
C ILE B 212 -10.63 2.11 -2.75
N ASN B 213 -9.96 1.04 -3.13
CA ASN B 213 -8.63 1.08 -3.71
C ASN B 213 -8.53 0.01 -4.80
N THR B 214 -7.51 0.08 -5.63
CA THR B 214 -7.32 -0.99 -6.61
C THR B 214 -5.87 -1.52 -6.59
N ILE B 215 -5.70 -2.84 -6.81
CA ILE B 215 -4.36 -3.43 -6.84
C ILE B 215 -3.99 -3.68 -8.28
N SER B 216 -2.85 -3.17 -8.72
CA SER B 216 -2.34 -3.43 -10.06
C SER B 216 -1.38 -4.60 -9.95
N ALA B 217 -1.88 -5.78 -10.32
CA ALA B 217 -1.13 -7.02 -10.08
C ALA B 217 -0.23 -7.29 -11.27
N GLY B 218 0.91 -7.95 -11.01
CA GLY B 218 1.81 -8.50 -12.03
C GLY B 218 1.19 -9.77 -12.63
N PRO B 219 1.91 -10.44 -13.57
CA PRO B 219 1.35 -11.58 -14.31
C PRO B 219 1.19 -12.83 -13.47
N LEU B 220 0.00 -13.41 -13.50
CA LEU B 220 -0.24 -14.73 -12.90
C LEU B 220 -0.87 -15.63 -13.94
N LYS B 221 -0.42 -16.88 -14.02
CA LYS B 221 -0.99 -17.82 -14.99
C LYS B 221 -2.34 -18.35 -14.57
N SER B 222 -3.36 -17.50 -14.67
CA SER B 222 -4.72 -17.86 -14.31
C SER B 222 -5.46 -18.44 -15.52
N ARG B 223 -6.69 -18.90 -15.31
CA ARG B 223 -7.54 -19.39 -16.42
C ARG B 223 -7.70 -18.29 -17.46
N ALA B 224 -8.16 -17.11 -17.05
CA ALA B 224 -8.41 -15.95 -17.94
C ALA B 224 -7.16 -15.47 -18.71
N ALA B 225 -6.00 -15.50 -18.05
CA ALA B 225 -4.72 -15.15 -18.67
C ALA B 225 -4.34 -15.99 -19.90
N THR B 226 -4.66 -17.29 -19.86
CA THR B 226 -4.43 -18.19 -20.99
C THR B 226 -5.37 -17.91 -22.13
N ALA B 227 -6.59 -17.47 -21.83
CA ALA B 227 -7.52 -17.09 -22.89
C ALA B 227 -7.02 -15.95 -23.79
N ILE B 228 -6.02 -15.19 -23.34
CA ILE B 228 -5.40 -14.12 -24.15
C ILE B 228 -4.54 -14.72 -25.28
N ASN B 229 -4.31 -16.02 -25.23
CA ASN B 229 -3.68 -16.81 -26.33
C ASN B 229 -2.62 -17.81 -25.87
N THR B 272 3.10 -17.90 -25.75
CA THR B 272 1.83 -17.21 -25.54
C THR B 272 2.00 -15.95 -24.66
N PHE B 273 0.97 -15.09 -24.68
CA PHE B 273 1.03 -13.80 -24.03
C PHE B 273 1.48 -13.84 -22.58
N ILE B 274 0.84 -14.67 -21.77
CA ILE B 274 1.10 -14.75 -20.34
C ILE B 274 2.44 -15.38 -19.97
N ASP B 275 2.88 -16.43 -20.69
CA ASP B 275 4.22 -17.01 -20.46
C ASP B 275 5.26 -15.96 -20.72
N TYR B 276 5.08 -15.22 -21.82
CA TYR B 276 5.92 -14.07 -22.14
C TYR B 276 5.98 -13.07 -21.00
N ALA B 277 4.81 -12.59 -20.57
CA ALA B 277 4.71 -11.62 -19.46
C ALA B 277 5.42 -12.12 -18.19
N ILE B 278 5.15 -13.39 -17.81
CA ILE B 278 5.78 -14.02 -16.66
C ILE B 278 7.29 -14.08 -16.81
N GLU B 279 7.76 -14.53 -17.96
CA GLU B 279 9.18 -14.70 -18.18
C GLU B 279 9.88 -13.34 -18.13
N TYR B 280 9.30 -12.38 -18.81
CA TYR B 280 9.80 -11.02 -18.75
C TYR B 280 9.84 -10.48 -17.32
N SER B 281 8.79 -10.74 -16.53
CA SER B 281 8.71 -10.18 -15.19
C SER B 281 9.77 -10.78 -14.26
N GLU B 282 9.92 -12.09 -14.33
CA GLU B 282 10.92 -12.81 -13.53
C GLU B 282 12.35 -12.50 -13.91
N LYS B 283 12.58 -12.04 -15.12
CA LYS B 283 13.91 -11.62 -15.53
C LYS B 283 14.25 -10.12 -15.26
N TYR B 284 13.25 -9.23 -15.32
CA TYR B 284 13.56 -7.82 -15.33
C TYR B 284 13.08 -7.03 -14.14
N ALA B 285 12.22 -7.66 -13.32
CA ALA B 285 11.67 -7.00 -12.15
C ALA B 285 12.78 -6.83 -11.16
N PRO B 286 12.75 -5.74 -10.36
CA PRO B 286 13.65 -5.54 -9.24
C PRO B 286 13.70 -6.77 -8.35
N LEU B 287 12.54 -7.33 -8.03
CA LEU B 287 12.51 -8.56 -7.27
C LEU B 287 12.33 -9.75 -8.19
N ARG B 288 13.39 -10.54 -8.31
CA ARG B 288 13.37 -11.72 -9.17
C ARG B 288 12.95 -12.97 -8.42
N GLN B 289 11.67 -13.09 -8.14
CA GLN B 289 11.09 -14.20 -7.41
C GLN B 289 9.75 -14.44 -8.11
N LYS B 290 9.18 -15.62 -7.94
CA LYS B 290 7.94 -15.91 -8.66
C LYS B 290 6.81 -15.20 -7.97
N LEU B 291 6.07 -14.39 -8.73
CA LEU B 291 4.86 -13.75 -8.20
C LEU B 291 3.74 -14.75 -7.97
N LEU B 292 3.33 -14.88 -6.70
CA LEU B 292 2.24 -15.77 -6.28
C LEU B 292 0.90 -15.07 -6.07
N SER B 293 -0.21 -15.79 -6.29
CA SER B 293 -1.54 -15.24 -6.04
C SER B 293 -1.70 -14.76 -4.59
N THR B 294 -1.12 -15.47 -3.64
CA THR B 294 -1.16 -15.12 -2.23
C THR B 294 -0.31 -13.87 -1.90
N ASP B 295 0.57 -13.45 -2.81
CA ASP B 295 1.31 -12.22 -2.62
C ASP B 295 0.34 -11.06 -2.79
N ILE B 296 -0.61 -11.25 -3.71
CA ILE B 296 -1.61 -10.24 -3.94
C ILE B 296 -2.59 -10.36 -2.80
N GLY B 297 -2.89 -11.59 -2.40
CA GLY B 297 -3.80 -11.85 -1.31
C GLY B 297 -3.47 -11.10 -0.02
N SER B 298 -2.21 -11.05 0.34
CA SER B 298 -1.87 -10.48 1.61
C SER B 298 -1.96 -8.96 1.55
N VAL B 299 -1.63 -8.37 0.40
CA VAL B 299 -1.85 -6.96 0.20
C VAL B 299 -3.34 -6.63 0.23
N ALA B 300 -4.16 -7.48 -0.41
CA ALA B 300 -5.59 -7.25 -0.47
C ALA B 300 -6.15 -7.24 0.94
N SER B 301 -5.60 -8.11 1.76
CA SER B 301 -6.04 -8.37 3.11
C SER B 301 -5.74 -7.16 3.99
N PHE B 302 -4.55 -6.59 3.78
CA PHE B 302 -4.15 -5.37 4.47
C PHE B 302 -5.07 -4.18 4.09
N LEU B 303 -5.34 -4.00 2.81
CA LEU B 303 -6.18 -2.91 2.33
C LEU B 303 -7.64 -3.05 2.77
N LEU B 304 -8.06 -4.31 2.98
CA LEU B 304 -9.40 -4.57 3.48
C LEU B 304 -9.54 -4.41 5.00
N SER B 305 -8.45 -4.54 5.74
CA SER B 305 -8.49 -4.38 7.17
C SER B 305 -8.44 -2.92 7.59
N ARG B 306 -8.62 -2.69 8.89
CA ARG B 306 -8.64 -1.35 9.47
C ARG B 306 -7.26 -0.75 9.51
N GLU B 307 -6.25 -1.53 9.13
CA GLU B 307 -4.87 -1.09 9.22
CA GLU B 307 -4.84 -1.13 9.17
C GLU B 307 -4.48 -0.09 8.10
N SER B 308 -5.31 0.03 7.08
CA SER B 308 -5.12 0.92 5.94
C SER B 308 -6.28 1.95 5.95
N ARG B 309 -6.80 2.19 7.14
CA ARG B 309 -7.75 3.29 7.44
C ARG B 309 -7.56 4.60 6.64
N ALA B 310 -6.32 5.01 6.40
CA ALA B 310 -6.07 6.30 5.75
C ALA B 310 -5.73 6.27 4.25
N ILE B 311 -5.90 5.09 3.64
CA ILE B 311 -5.63 4.90 2.21
C ILE B 311 -6.93 4.72 1.46
N THR B 312 -7.16 5.51 0.43
CA THR B 312 -8.37 5.37 -0.37
C THR B 312 -8.19 6.03 -1.72
N GLY B 313 -8.82 5.47 -2.74
CA GLY B 313 -8.65 5.99 -4.10
C GLY B 313 -7.35 5.68 -4.80
N GLN B 314 -6.49 4.87 -4.19
CA GLN B 314 -5.17 4.55 -4.76
C GLN B 314 -5.14 3.32 -5.66
N THR B 315 -4.19 3.32 -6.58
CA THR B 315 -3.78 2.18 -7.34
C THR B 315 -2.50 1.68 -6.68
N ILE B 316 -2.57 0.54 -6.03
CA ILE B 316 -1.39 -0.03 -5.35
C ILE B 316 -0.79 -1.14 -6.21
N TYR B 317 0.48 -1.01 -6.54
CA TYR B 317 1.19 -1.96 -7.41
C TYR B 317 1.81 -3.08 -6.62
N VAL B 318 1.45 -4.32 -6.98
CA VAL B 318 1.97 -5.54 -6.37
C VAL B 318 2.46 -6.42 -7.52
N ASP B 319 3.70 -6.18 -7.93
CA ASP B 319 4.20 -6.69 -9.21
C ASP B 319 5.73 -6.86 -9.19
N ASN B 320 6.28 -7.02 -7.99
CA ASN B 320 7.73 -7.16 -7.79
C ASN B 320 8.53 -5.93 -8.27
N GLY B 321 7.83 -4.80 -8.43
CA GLY B 321 8.42 -3.51 -8.80
C GLY B 321 8.67 -3.31 -10.29
N LEU B 322 8.16 -4.23 -11.11
CA LEU B 322 8.40 -4.14 -12.57
C LEU B 322 7.97 -2.79 -13.13
N ASN B 323 6.84 -2.27 -12.63
CA ASN B 323 6.30 -1.02 -13.14
C ASN B 323 7.30 0.18 -13.13
N ILE B 324 8.28 0.15 -12.22
CA ILE B 324 9.24 1.23 -12.04
C ILE B 324 10.35 1.22 -13.08
N MET B 325 10.42 0.18 -13.90
CA MET B 325 11.52 0.04 -14.89
C MET B 325 11.21 0.73 -16.23
N PHE B 326 12.25 1.25 -16.88
CA PHE B 326 12.09 1.83 -18.22
C PHE B 326 12.69 0.91 -19.25
N LEU B 327 14.02 0.82 -19.24
CA LEU B 327 14.74 -0.05 -20.17
C LEU B 327 15.17 -1.34 -19.44
N PRO B 328 15.03 -2.50 -20.10
CA PRO B 328 15.62 -3.75 -19.59
C PRO B 328 17.16 -3.71 -19.55
N ASP B 329 17.76 -4.78 -19.02
CA ASP B 329 19.21 -5.04 -19.11
C ASP B 329 19.55 -6.00 -20.24
PA NAD C . 9.44 15.48 13.25
O1A NAD C . 10.13 16.79 13.59
O2A NAD C . 8.79 14.69 14.34
O5B NAD C . 10.53 14.57 12.49
C5B NAD C . 11.66 15.14 11.83
C4B NAD C . 12.94 14.64 12.51
O4B NAD C . 14.10 14.73 11.68
C3B NAD C . 13.24 15.46 13.76
O3B NAD C . 13.12 14.63 14.91
C2B NAD C . 14.68 15.92 13.60
O2B NAD C . 15.37 15.78 14.84
C1B NAD C . 15.23 14.99 12.52
N9A NAD C . 16.36 15.59 11.79
C8A NAD C . 16.41 16.80 11.22
N7A NAD C . 17.64 16.97 10.65
C5A NAD C . 18.36 15.84 10.88
C6A NAD C . 19.73 15.39 10.55
N6A NAD C . 20.58 16.17 9.84
N1A NAD C . 20.09 14.16 10.96
C2A NAD C . 19.25 13.38 11.66
N3A NAD C . 18.01 13.78 11.97
C4A NAD C . 17.54 14.99 11.61
O3 NAD C . 8.34 15.79 12.11
PN NAD C . 7.74 14.65 11.14
O1N NAD C . 6.67 15.29 10.28
O2N NAD C . 7.39 13.43 11.97
O5D NAD C . 8.96 14.27 10.17
C5D NAD C . 9.16 12.92 9.77
C4D NAD C . 9.11 12.78 8.24
O4D NAD C . 7.76 12.80 7.77
C3D NAD C . 9.87 13.90 7.54
O3D NAD C . 10.71 13.34 6.53
C2D NAD C . 8.78 14.71 6.88
O2D NAD C . 9.25 15.30 5.67
C1D NAD C . 7.70 13.67 6.64
N1N NAD C . 6.36 14.24 6.47
C2N NAD C . 5.75 14.93 7.43
C3N NAD C . 4.48 15.45 7.23
C7N NAD C . 3.79 16.23 8.32
O7N NAD C . 2.77 16.84 8.04
N7N NAD C . 4.31 16.21 9.53
C4N NAD C . 3.72 15.26 5.95
C5N NAD C . 4.49 14.48 4.99
C6N NAD C . 5.76 14.02 5.28
C1 FT3 D . 7.01 18.08 6.93
C2 FT3 D . 6.72 17.79 5.61
C3 FT3 D . 5.46 18.10 5.08
C4 FT3 D . 4.48 18.70 5.87
C5 FT3 D . 4.78 19.01 7.20
C6 FT3 D . 6.03 18.70 7.74
O7 FT3 D . 8.26 17.78 7.43
C8 FT3 D . 9.30 18.69 7.30
C9 FT3 D . 10.52 18.44 7.93
C10 FT3 D . 11.56 19.34 7.82
C11 FT3 D . 11.38 20.50 7.10
C12 FT3 D . 10.18 20.79 6.45
C13 FT3 D . 9.13 19.87 6.56
C14 FT3 D . 3.14 19.00 5.24
O15 FT3 D . 2.10 19.13 6.22
CL16 FT3 D . 12.75 21.63 7.00
CL17 FT3 D . 10.81 16.96 8.90
O18 FT3 D . 7.66 17.23 4.82
PA NAD E . -9.46 -15.64 -13.26
O1A NAD E . -10.12 -16.36 -14.40
O2A NAD E . -8.98 -16.44 -12.08
O5B NAD E . -10.49 -14.51 -12.73
C5B NAD E . -11.58 -14.05 -13.54
C4B NAD E . -12.90 -14.50 -12.91
O4B NAD E . -13.95 -13.57 -13.20
C3B NAD E . -13.34 -15.85 -13.50
O3B NAD E . -13.52 -16.80 -12.44
C2B NAD E . -14.69 -15.58 -14.14
O2B NAD E . -15.56 -16.68 -13.91
C1B NAD E . -15.15 -14.31 -13.46
N9A NAD E . -16.10 -13.54 -14.30
C8A NAD E . -15.92 -13.20 -15.58
N7A NAD E . -17.01 -12.50 -15.99
C5A NAD E . -17.87 -12.43 -14.95
C6A NAD E . -19.21 -11.82 -14.75
N6A NAD E . -19.85 -11.16 -15.74
N1A NAD E . -19.78 -11.95 -13.52
C2A NAD E . -19.14 -12.61 -12.53
N3A NAD E . -17.93 -13.16 -12.71
C4A NAD E . -17.28 -13.08 -13.89
O3 NAD E . -8.24 -14.77 -13.84
PN NAD E . -7.53 -13.64 -12.95
O1N NAD E . -6.21 -13.28 -13.59
O2N NAD E . -7.57 -14.08 -11.51
O5D NAD E . -8.50 -12.37 -13.10
C5D NAD E . -9.09 -11.75 -11.97
C4D NAD E . -8.81 -10.26 -11.94
O4D NAD E . -7.41 -9.99 -11.79
C3D NAD E . -9.23 -9.60 -13.25
O3D NAD E . -9.84 -8.35 -12.96
C2D NAD E . -7.93 -9.34 -13.98
O2D NAD E . -8.08 -8.18 -14.80
C1D NAD E . -6.99 -9.09 -12.81
N1N NAD E . -5.57 -9.22 -13.16
C2N NAD E . -5.01 -10.40 -13.47
C3N NAD E . -3.67 -10.48 -13.80
C7N NAD E . -3.04 -11.79 -14.15
O7N NAD E . -1.94 -11.78 -14.68
N7N NAD E . -3.66 -12.92 -13.85
C4N NAD E . -2.77 -9.27 -13.83
C5N NAD E . -3.48 -8.06 -13.48
C6N NAD E . -4.83 -8.10 -13.16
C1 FT3 F . -5.73 -10.49 -16.97
C2 FT3 F . -5.30 -9.18 -16.80
C3 FT3 F . -3.94 -8.90 -16.93
C4 FT3 F . -3.02 -9.93 -17.21
C5 FT3 F . -3.48 -11.24 -17.38
C6 FT3 F . -4.84 -11.52 -17.25
O7 FT3 F . -7.07 -10.76 -16.85
C8 FT3 F . -7.96 -10.74 -17.88
C9 FT3 F . -9.28 -11.10 -17.65
C10 FT3 F . -10.20 -11.10 -18.68
C11 FT3 F . -9.79 -10.72 -19.95
C12 FT3 F . -8.46 -10.36 -20.20
C13 FT3 F . -7.54 -10.36 -19.15
C14 FT3 F . -1.55 -9.59 -17.36
O15 FT3 F . -0.74 -10.72 -17.05
CL16 FT3 F . -10.99 -10.73 -21.28
CL17 FT3 F . -9.88 -11.58 -16.02
O18 FT3 F . -6.21 -8.18 -16.52
#